data_3VFC
#
_entry.id   3VFC
#
_cell.length_a   95.264
_cell.length_b   95.264
_cell.length_c   260.649
_cell.angle_alpha   90.00
_cell.angle_beta   90.00
_cell.angle_gamma   120.00
#
_symmetry.space_group_name_H-M   'P 61 2 2'
#
loop_
_entity.id
_entity.type
_entity.pdbx_description
1 polymer 'Probable glucarate dehydratase'
2 non-polymer 'L(+)-TARTARIC ACID'
3 non-polymer 2,3-DIHYDROXY-1,4-DITHIOBUTANE
4 non-polymer 'CHLORIDE ION'
5 water water
#
_entity_poly.entity_id   1
_entity_poly.type   'polypeptide(L)'
_entity_poly.pdbx_seq_one_letter_code
;MHHHHHHSSGVDLGTENLYFQSMAHNRIRITGARVTPVAFADPPLLNTVGVHQPYALRAVIQLDTDAGLTGLGETYADTV
HLERLQAAAHAIVGRSVFSTNVIRALISDALGGDRTGDGSGLAGMITSASVVDRVFSPFEVACLDVQGQVTGRPVSDLLG
GAVRDAVPFSAYLFYKWAAHPGAEPDGWGAALDPDGIVAQARRMIDEYGFSAIKLKGGVFAPEEEMAAVEALRAAFPDHP
LRLDPNAAWTPQTSVKVAAGLEGVLEYLEDPTPGLDGMAEVAAQAPMPLATNMCVVAFDQLPAAVAKNSVQVVLSDHHYW
GGLQRSRLLAGICDTFGLGLSMHSNSHLGISLAAMVHLAAATPNLTYACDTHWPWRHEDVVAPGALNFCDGEVQVPATPG
LGVEIDEDALAALHEQYLRCGIRDRDDTGYMRSIDPGFNASGPRW
;
_entity_poly.pdbx_strand_id   A
#
# COMPACT_ATOMS: atom_id res chain seq x y z
N SER A 22 0.92 -18.13 -30.46
CA SER A 22 0.24 -18.22 -31.78
C SER A 22 -0.71 -17.05 -32.03
N MET A 23 -0.14 -15.86 -32.23
CA MET A 23 -0.96 -14.67 -32.33
C MET A 23 -1.07 -14.21 -33.78
N ALA A 24 -2.29 -14.21 -34.30
CA ALA A 24 -2.56 -13.61 -35.60
C ALA A 24 -2.08 -12.15 -35.58
N HIS A 25 -1.47 -11.71 -36.68
CA HIS A 25 -1.01 -10.32 -36.80
C HIS A 25 -0.07 -9.96 -35.66
N ASN A 26 0.60 -10.98 -35.12
CA ASN A 26 1.54 -10.79 -34.01
C ASN A 26 0.90 -9.91 -32.93
N ARG A 27 -0.40 -10.07 -32.73
CA ARG A 27 -1.16 -9.16 -31.89
C ARG A 27 -1.83 -9.92 -30.74
N ILE A 28 -1.67 -9.39 -29.54
CA ILE A 28 -2.36 -9.93 -28.38
C ILE A 28 -3.07 -8.78 -27.73
N ARG A 29 -4.40 -8.83 -27.76
CA ARG A 29 -5.15 -7.68 -27.34
C ARG A 29 -6.25 -8.09 -26.39
N ILE A 30 -6.76 -7.08 -25.69
CA ILE A 30 -7.75 -7.24 -24.65
C ILE A 30 -9.15 -7.51 -25.23
N THR A 31 -9.81 -8.54 -24.71
CA THR A 31 -11.17 -8.88 -25.15
C THR A 31 -12.19 -8.50 -24.09
N GLY A 32 -11.74 -8.26 -22.86
CA GLY A 32 -12.66 -7.87 -21.80
C GLY A 32 -11.98 -7.93 -20.44
N ALA A 33 -12.64 -7.43 -19.40
CA ALA A 33 -12.11 -7.55 -18.04
C ALA A 33 -13.22 -7.94 -17.07
N ARG A 34 -12.91 -8.86 -16.15
CA ARG A 34 -13.85 -9.17 -15.06
C ARG A 34 -13.34 -8.54 -13.76
N VAL A 35 -14.12 -7.61 -13.23
CA VAL A 35 -13.87 -6.97 -11.94
C VAL A 35 -14.67 -7.66 -10.82
N THR A 36 -13.99 -8.22 -9.84
CA THR A 36 -14.65 -8.92 -8.75
C THR A 36 -14.33 -8.28 -7.41
N PRO A 37 -15.32 -7.60 -6.80
CA PRO A 37 -15.07 -7.09 -5.46
C PRO A 37 -15.01 -8.23 -4.44
N VAL A 38 -14.10 -8.14 -3.48
CA VAL A 38 -13.99 -9.16 -2.44
C VAL A 38 -13.84 -8.48 -1.07
N ALA A 39 -14.08 -9.24 -0.01
CA ALA A 39 -13.95 -8.71 1.35
C ALA A 39 -13.29 -9.77 2.19
N PHE A 40 -12.36 -9.37 3.03
CA PHE A 40 -11.65 -10.29 3.90
C PHE A 40 -11.51 -9.71 5.32
N ALA A 41 -11.49 -10.60 6.31
CA ALA A 41 -11.49 -10.21 7.73
C ALA A 41 -10.29 -9.37 8.08
N ASP A 42 -10.52 -8.30 8.84
CA ASP A 42 -9.49 -7.36 9.30
C ASP A 42 -9.74 -7.11 10.81
N PRO A 43 -8.69 -7.10 11.63
CA PRO A 43 -8.84 -6.85 13.08
C PRO A 43 -9.17 -5.39 13.39
N PRO A 44 -9.57 -5.08 14.65
CA PRO A 44 -9.92 -3.69 14.90
C PRO A 44 -8.68 -2.81 15.14
N LEU A 45 -7.92 -2.56 14.08
CA LEU A 45 -6.69 -1.77 14.12
C LEU A 45 -7.06 -0.31 14.25
N LEU A 46 -6.33 0.40 15.12
CA LEU A 46 -6.62 1.80 15.37
C LEU A 46 -5.69 2.70 14.59
N ASN A 47 -6.21 3.86 14.20
CA ASN A 47 -5.39 4.88 13.62
C ASN A 47 -5.96 6.21 14.06
N THR A 48 -5.39 7.31 13.59
CA THR A 48 -5.73 8.61 14.16
C THR A 48 -7.15 9.05 13.74
N VAL A 49 -7.75 8.37 12.77
CA VAL A 49 -9.11 8.80 12.35
C VAL A 49 -10.20 7.79 12.71
N GLY A 50 -9.84 6.71 13.37
CA GLY A 50 -10.87 5.72 13.67
C GLY A 50 -10.32 4.35 13.94
N VAL A 51 -11.05 3.33 13.49
CA VAL A 51 -10.66 1.95 13.70
C VAL A 51 -11.07 1.18 12.43
N HIS A 52 -10.28 0.19 12.02
CA HIS A 52 -10.63 -0.58 10.82
C HIS A 52 -11.94 -1.29 10.98
N GLN A 53 -12.73 -1.31 9.93
CA GLN A 53 -13.91 -2.17 9.88
C GLN A 53 -13.54 -3.65 9.88
N PRO A 54 -14.49 -4.52 10.23
CA PRO A 54 -14.22 -5.96 10.36
C PRO A 54 -13.89 -6.65 9.03
N TYR A 55 -14.21 -6.01 7.90
CA TYR A 55 -13.74 -6.51 6.58
C TYR A 55 -13.16 -5.38 5.77
N ALA A 56 -12.04 -5.68 5.13
CA ALA A 56 -11.42 -4.72 4.21
C ALA A 56 -11.88 -5.13 2.82
N LEU A 57 -11.94 -4.18 1.90
CA LEU A 57 -12.44 -4.44 0.55
C LEU A 57 -11.35 -4.29 -0.52
N ARG A 58 -11.39 -5.12 -1.57
CA ARG A 58 -10.47 -4.99 -2.70
C ARG A 58 -11.24 -5.39 -3.95
N ALA A 59 -10.77 -4.95 -5.12
CA ALA A 59 -11.32 -5.42 -6.39
C ALA A 59 -10.24 -6.16 -7.14
N VAL A 60 -10.57 -7.35 -7.57
CA VAL A 60 -9.70 -8.16 -8.41
C VAL A 60 -10.01 -7.89 -9.86
N ILE A 61 -8.98 -7.59 -10.64
CA ILE A 61 -9.13 -7.43 -12.08
C ILE A 61 -8.58 -8.70 -12.73
N GLN A 62 -9.42 -9.37 -13.52
CA GLN A 62 -8.97 -10.39 -14.49
C GLN A 62 -9.09 -9.83 -15.90
N LEU A 63 -7.94 -9.66 -16.55
CA LEU A 63 -7.91 -9.01 -17.84
C LEU A 63 -7.76 -10.10 -18.91
N ASP A 64 -8.79 -10.25 -19.74
CA ASP A 64 -8.82 -11.36 -20.70
C ASP A 64 -8.33 -10.91 -22.07
N THR A 65 -7.66 -11.81 -22.79
CA THR A 65 -7.12 -11.46 -24.10
C THR A 65 -7.51 -12.48 -25.18
N ASP A 66 -7.31 -12.12 -26.45
CA ASP A 66 -7.63 -13.04 -27.54
C ASP A 66 -6.59 -14.14 -27.73
N ALA A 67 -5.58 -14.20 -26.85
CA ALA A 67 -4.65 -15.34 -26.81
C ALA A 67 -5.06 -16.36 -25.74
N GLY A 68 -6.17 -16.12 -25.06
CA GLY A 68 -6.53 -16.99 -23.93
C GLY A 68 -5.63 -16.84 -22.69
N LEU A 69 -4.85 -15.76 -22.61
CA LEU A 69 -4.06 -15.46 -21.39
C LEU A 69 -4.77 -14.41 -20.55
N THR A 70 -4.80 -14.60 -19.25
CA THR A 70 -5.49 -13.66 -18.36
C THR A 70 -4.49 -13.05 -17.40
N GLY A 71 -4.49 -11.73 -17.29
CA GLY A 71 -3.56 -11.07 -16.37
C GLY A 71 -4.33 -10.58 -15.16
N LEU A 72 -3.63 -10.42 -14.05
CA LEU A 72 -4.26 -10.10 -12.76
C LEU A 72 -3.84 -8.72 -12.28
N GLY A 73 -4.78 -7.96 -11.70
CA GLY A 73 -4.46 -6.71 -11.02
C GLY A 73 -5.35 -6.60 -9.79
N GLU A 74 -5.07 -5.65 -8.91
CA GLU A 74 -5.81 -5.61 -7.64
C GLU A 74 -5.85 -4.16 -7.22
N THR A 75 -7.01 -3.71 -6.76
CA THR A 75 -7.16 -2.30 -6.41
C THR A 75 -8.21 -2.18 -5.28
N TYR A 76 -8.60 -0.95 -4.97
CA TYR A 76 -9.66 -0.64 -4.00
C TYR A 76 -11.01 -1.08 -4.48
N ALA A 77 -12.00 -1.09 -3.61
CA ALA A 77 -13.33 -1.50 -4.04
C ALA A 77 -14.49 -0.62 -3.56
N ASP A 78 -14.23 0.65 -3.30
CA ASP A 78 -15.34 1.59 -2.98
C ASP A 78 -16.29 1.68 -4.15
N THR A 79 -17.56 2.01 -3.88
CA THR A 79 -18.61 2.15 -4.88
C THR A 79 -18.21 2.94 -6.12
N VAL A 80 -17.72 4.17 -5.93
CA VAL A 80 -17.36 5.03 -7.05
CA VAL A 80 -17.38 5.01 -7.07
C VAL A 80 -16.20 4.43 -7.86
N HIS A 81 -15.25 3.84 -7.15
CA HIS A 81 -14.13 3.21 -7.83
C HIS A 81 -14.58 2.05 -8.71
N LEU A 82 -15.48 1.19 -8.23
CA LEU A 82 -16.01 0.11 -9.07
C LEU A 82 -16.66 0.59 -10.37
N GLU A 83 -17.41 1.66 -10.27
CA GLU A 83 -18.00 2.28 -11.43
C GLU A 83 -16.94 2.76 -12.43
N ARG A 84 -15.90 3.41 -11.90
CA ARG A 84 -14.81 3.85 -12.76
C ARG A 84 -14.10 2.67 -13.40
N LEU A 85 -13.90 1.61 -12.62
CA LEU A 85 -13.25 0.41 -13.15
C LEU A 85 -14.04 -0.19 -14.32
N GLN A 86 -15.37 -0.11 -14.28
CA GLN A 86 -16.21 -0.64 -15.38
C GLN A 86 -16.12 0.22 -16.64
N ALA A 87 -16.16 1.53 -16.44
CA ALA A 87 -15.98 2.46 -17.55
C ALA A 87 -14.60 2.23 -18.19
N ALA A 88 -13.58 2.02 -17.37
CA ALA A 88 -12.23 1.75 -17.88
C ALA A 88 -12.20 0.43 -18.67
N ALA A 89 -12.76 -0.61 -18.09
CA ALA A 89 -12.75 -1.93 -18.72
C ALA A 89 -13.36 -1.82 -20.12
N HIS A 90 -14.47 -1.11 -20.22
CA HIS A 90 -15.13 -0.96 -21.51
C HIS A 90 -14.30 -0.19 -22.50
N ALA A 91 -13.61 0.86 -22.05
CA ALA A 91 -12.86 1.74 -22.96
C ALA A 91 -11.62 1.08 -23.61
N ILE A 92 -11.10 0.02 -23.02
CA ILE A 92 -9.80 -0.51 -23.47
C ILE A 92 -9.93 -1.85 -24.18
N VAL A 93 -11.15 -2.35 -24.29
CA VAL A 93 -11.36 -3.54 -25.14
C VAL A 93 -10.82 -3.26 -26.55
N GLY A 94 -10.07 -4.21 -27.09
CA GLY A 94 -9.50 -3.98 -28.41
C GLY A 94 -8.13 -3.31 -28.41
N ARG A 95 -7.41 -3.37 -27.28
CA ARG A 95 -6.07 -2.78 -27.23
C ARG A 95 -5.00 -3.80 -26.90
N SER A 96 -3.84 -3.65 -27.52
CA SER A 96 -2.69 -4.51 -27.25
C SER A 96 -2.25 -4.37 -25.79
N VAL A 97 -1.92 -5.48 -25.14
CA VAL A 97 -1.46 -5.39 -23.75
C VAL A 97 -0.09 -4.73 -23.64
N PHE A 98 0.57 -4.54 -24.77
CA PHE A 98 1.86 -3.82 -24.77
C PHE A 98 1.66 -2.32 -24.96
N SER A 99 0.46 -1.90 -25.30
CA SER A 99 0.19 -0.47 -25.51
C SER A 99 -0.30 0.22 -24.24
N THR A 100 0.49 0.17 -23.18
CA THR A 100 0.03 0.70 -21.90
C THR A 100 -0.06 2.24 -21.92
N ASN A 101 0.76 2.92 -22.73
CA ASN A 101 0.64 4.40 -22.86
C ASN A 101 -0.74 4.75 -23.43
N VAL A 102 -1.13 4.07 -24.49
CA VAL A 102 -2.41 4.32 -25.11
C VAL A 102 -3.54 3.98 -24.16
N ILE A 103 -3.39 2.88 -23.44
CA ILE A 103 -4.44 2.44 -22.52
C ILE A 103 -4.65 3.51 -21.44
N ARG A 104 -3.58 4.09 -20.91
CA ARG A 104 -3.81 5.14 -19.90
C ARG A 104 -4.63 6.30 -20.49
N ALA A 105 -4.31 6.70 -21.73
CA ALA A 105 -4.96 7.84 -22.37
C ALA A 105 -6.45 7.59 -22.64
N LEU A 106 -6.78 6.36 -23.07
CA LEU A 106 -8.17 5.95 -23.26
C LEU A 106 -8.96 5.96 -21.95
N ILE A 107 -8.30 5.58 -20.86
CA ILE A 107 -8.97 5.58 -19.57
C ILE A 107 -9.18 7.03 -19.14
N SER A 108 -8.20 7.87 -19.41
CA SER A 108 -8.35 9.27 -19.10
C SER A 108 -9.53 9.88 -19.86
N ASP A 109 -9.64 9.60 -21.16
CA ASP A 109 -10.77 10.09 -21.95
C ASP A 109 -12.08 9.57 -21.41
N ALA A 110 -12.11 8.28 -21.09
CA ALA A 110 -13.33 7.65 -20.58
C ALA A 110 -13.79 8.27 -19.27
N LEU A 111 -12.86 8.65 -18.40
CA LEU A 111 -13.26 9.19 -17.10
C LEU A 111 -13.52 10.69 -17.24
N GLY A 112 -13.25 11.23 -18.42
CA GLY A 112 -13.38 12.66 -18.66
C GLY A 112 -12.42 13.41 -17.77
N GLY A 113 -11.24 12.85 -17.58
CA GLY A 113 -10.26 13.39 -16.63
C GLY A 113 -9.33 14.41 -17.24
N ASP A 114 -8.58 15.10 -16.38
CA ASP A 114 -7.57 16.05 -16.84
C ASP A 114 -6.23 15.34 -16.97
N ARG A 115 -6.29 14.08 -17.38
CA ARG A 115 -5.11 13.23 -17.61
C ARG A 115 -3.93 13.59 -16.73
N ALA A 123 -0.87 19.56 -2.23
CA ALA A 123 -0.37 18.29 -1.72
C ALA A 123 -1.47 17.38 -1.16
N GLY A 124 -1.32 16.08 -1.40
CA GLY A 124 -2.25 15.07 -0.90
C GLY A 124 -3.61 15.10 -1.59
N MET A 125 -3.74 15.87 -2.67
CA MET A 125 -5.02 15.93 -3.39
C MET A 125 -5.23 14.84 -4.45
N ILE A 126 -6.45 14.37 -4.51
CA ILE A 126 -6.81 13.45 -5.59
C ILE A 126 -7.32 14.22 -6.81
N THR A 127 -6.37 14.72 -7.61
CA THR A 127 -6.67 15.41 -8.86
C THR A 127 -7.36 14.47 -9.86
N SER A 128 -7.72 14.99 -11.02
CA SER A 128 -8.27 14.14 -12.06
C SER A 128 -7.16 13.14 -12.50
N ALA A 129 -5.93 13.60 -12.62
CA ALA A 129 -4.82 12.72 -12.98
C ALA A 129 -4.61 11.64 -11.91
N SER A 130 -4.77 11.99 -10.65
CA SER A 130 -4.65 11.00 -9.58
C SER A 130 -5.77 9.97 -9.69
N VAL A 131 -6.99 10.40 -10.01
CA VAL A 131 -8.08 9.46 -10.26
C VAL A 131 -7.73 8.54 -11.44
N VAL A 132 -7.22 9.13 -12.52
CA VAL A 132 -6.85 8.33 -13.68
C VAL A 132 -5.81 7.26 -13.28
N ASP A 133 -4.77 7.69 -12.57
CA ASP A 133 -3.78 6.70 -12.12
C ASP A 133 -4.31 5.59 -11.21
N ARG A 134 -5.25 5.90 -10.32
CA ARG A 134 -5.83 4.85 -9.47
C ARG A 134 -6.66 3.86 -10.27
N VAL A 135 -7.30 4.35 -11.31
CA VAL A 135 -8.13 3.48 -12.15
C VAL A 135 -7.29 2.64 -13.13
N PHE A 136 -6.26 3.27 -13.71
CA PHE A 136 -5.36 2.63 -14.68
C PHE A 136 -4.51 1.55 -14.02
N SER A 137 -4.06 1.82 -12.80
CA SER A 137 -3.07 0.96 -12.14
C SER A 137 -3.35 -0.56 -12.27
N PRO A 138 -4.52 -1.03 -11.84
CA PRO A 138 -4.74 -2.49 -11.88
C PRO A 138 -4.77 -3.08 -13.29
N PHE A 139 -5.22 -2.29 -14.27
CA PHE A 139 -5.16 -2.72 -15.67
C PHE A 139 -3.71 -2.77 -16.17
N GLU A 140 -2.90 -1.80 -15.75
CA GLU A 140 -1.50 -1.81 -16.12
C GLU A 140 -0.78 -3.03 -15.54
N VAL A 141 -1.05 -3.36 -14.28
CA VAL A 141 -0.41 -4.53 -13.65
C VAL A 141 -0.82 -5.80 -14.38
N ALA A 142 -2.12 -5.91 -14.67
CA ALA A 142 -2.66 -7.04 -15.45
C ALA A 142 -2.05 -7.11 -16.87
N CYS A 143 -1.88 -5.96 -17.51
CA CYS A 143 -1.17 -5.92 -18.80
C CYS A 143 0.24 -6.47 -18.70
N LEU A 144 1.01 -6.02 -17.70
CA LEU A 144 2.39 -6.52 -17.54
C LEU A 144 2.40 -8.03 -17.25
N ASP A 145 1.41 -8.48 -16.48
CA ASP A 145 1.28 -9.90 -16.17
C ASP A 145 1.12 -10.64 -17.53
N VAL A 146 0.19 -10.20 -18.38
CA VAL A 146 0.03 -10.82 -19.71
C VAL A 146 1.31 -10.72 -20.55
N GLN A 147 1.95 -9.55 -20.55
CA GLN A 147 3.20 -9.41 -21.26
C GLN A 147 4.22 -10.45 -20.81
N GLY A 148 4.34 -10.62 -19.50
CA GLY A 148 5.33 -11.57 -18.99
C GLY A 148 4.94 -12.98 -19.41
N GLN A 149 3.65 -13.29 -19.30
CA GLN A 149 3.20 -14.64 -19.65
C GLN A 149 3.50 -14.95 -21.13
N VAL A 150 3.18 -14.01 -22.01
CA VAL A 150 3.31 -14.26 -23.43
C VAL A 150 4.79 -14.30 -23.88
N THR A 151 5.66 -13.55 -23.20
CA THR A 151 7.10 -13.54 -23.52
C THR A 151 7.92 -14.57 -22.72
N GLY A 152 7.30 -15.23 -21.77
CA GLY A 152 8.06 -16.11 -20.89
C GLY A 152 8.92 -15.41 -19.84
N ARG A 153 8.64 -14.15 -19.55
CA ARG A 153 9.51 -13.39 -18.61
C ARG A 153 8.77 -13.03 -17.34
N PRO A 154 9.47 -13.04 -16.20
CA PRO A 154 8.82 -12.46 -15.03
C PRO A 154 8.61 -10.96 -15.18
N VAL A 155 7.63 -10.42 -14.50
CA VAL A 155 7.37 -8.98 -14.63
C VAL A 155 8.58 -8.12 -14.33
N SER A 156 9.41 -8.54 -13.37
CA SER A 156 10.59 -7.75 -13.03
C SER A 156 11.53 -7.55 -14.25
N ASP A 157 11.55 -8.52 -15.17
CA ASP A 157 12.32 -8.38 -16.41
C ASP A 157 11.76 -7.30 -17.35
N LEU A 158 10.54 -6.84 -17.12
CA LEU A 158 9.95 -5.80 -17.96
C LEU A 158 10.22 -4.42 -17.37
N LEU A 159 10.85 -4.39 -16.21
CA LEU A 159 11.04 -3.16 -15.47
C LEU A 159 12.56 -2.87 -15.30
N GLY A 160 13.37 -3.41 -16.18
CA GLY A 160 14.82 -3.21 -16.11
C GLY A 160 15.56 -4.37 -15.49
N GLY A 161 14.80 -5.36 -15.01
CA GLY A 161 15.35 -6.54 -14.39
C GLY A 161 15.56 -6.42 -12.90
N ALA A 162 15.42 -7.55 -12.21
CA ALA A 162 15.68 -7.55 -10.77
C ALA A 162 17.12 -7.11 -10.49
N VAL A 163 17.32 -6.38 -9.39
CA VAL A 163 18.67 -6.08 -8.89
C VAL A 163 18.92 -6.77 -7.54
N ARG A 164 17.92 -7.46 -7.00
CA ARG A 164 18.08 -8.21 -5.73
C ARG A 164 17.16 -9.39 -5.87
N ASP A 165 17.45 -10.47 -5.14
CA ASP A 165 16.71 -11.74 -5.27
C ASP A 165 15.44 -11.75 -4.40
N ALA A 166 15.37 -10.88 -3.41
CA ALA A 166 14.35 -10.96 -2.39
C ALA A 166 14.08 -9.55 -1.93
N VAL A 167 12.86 -9.29 -1.50
CA VAL A 167 12.46 -7.94 -1.10
C VAL A 167 12.12 -7.92 0.39
N PRO A 168 12.82 -7.08 1.16
CA PRO A 168 12.57 -7.04 2.61
C PRO A 168 11.35 -6.19 2.94
N PHE A 169 10.59 -6.64 3.94
CA PHE A 169 9.37 -5.93 4.37
C PHE A 169 9.47 -5.53 5.84
N SER A 170 8.63 -4.58 6.25
CA SER A 170 8.59 -4.16 7.64
C SER A 170 7.42 -4.82 8.39
N ALA A 171 7.58 -4.94 9.71
CA ALA A 171 6.48 -5.31 10.58
C ALA A 171 5.64 -4.06 10.84
N TYR A 172 4.36 -4.12 10.50
CA TYR A 172 3.52 -2.94 10.55
C TYR A 172 2.64 -3.10 11.79
N LEU A 173 3.04 -2.42 12.87
CA LEU A 173 2.39 -2.54 14.17
C LEU A 173 1.32 -1.49 14.36
N PHE A 174 0.23 -1.89 15.00
CA PHE A 174 -0.89 -1.02 15.33
C PHE A 174 -1.36 -1.21 16.76
N TYR A 175 -1.72 -0.12 17.41
CA TYR A 175 -2.56 -0.23 18.60
C TYR A 175 -3.88 -0.83 18.15
N LYS A 176 -4.51 -1.66 18.98
CA LYS A 176 -5.72 -2.34 18.54
C LYS A 176 -6.58 -2.79 19.72
N TRP A 177 -7.90 -2.83 19.52
CA TRP A 177 -8.73 -3.53 20.49
C TRP A 177 -8.55 -5.01 20.41
N ALA A 178 -9.05 -5.70 21.42
CA ALA A 178 -9.00 -7.15 21.48
C ALA A 178 -9.94 -7.77 20.45
N ALA A 179 -11.06 -7.10 20.16
CA ALA A 179 -12.04 -7.68 19.25
C ALA A 179 -12.89 -6.58 18.69
N HIS A 180 -13.54 -6.81 17.55
CA HIS A 180 -14.64 -5.94 17.14
C HIS A 180 -15.78 -6.14 18.12
N PRO A 181 -16.51 -5.07 18.44
CA PRO A 181 -17.63 -5.15 19.40
C PRO A 181 -18.58 -6.32 19.13
N GLY A 182 -18.76 -7.18 20.12
CA GLY A 182 -19.69 -8.28 19.99
C GLY A 182 -19.18 -9.43 19.12
N ALA A 183 -17.88 -9.48 18.91
CA ALA A 183 -17.31 -10.58 18.13
C ALA A 183 -16.22 -11.28 18.91
N GLU A 184 -15.88 -12.49 18.47
CA GLU A 184 -14.82 -13.26 19.07
C GLU A 184 -13.51 -12.47 19.03
N PRO A 185 -12.75 -12.45 20.14
CA PRO A 185 -11.48 -11.75 20.07
C PRO A 185 -10.53 -12.52 19.16
N ASP A 186 -9.68 -11.81 18.44
CA ASP A 186 -8.68 -12.46 17.57
C ASP A 186 -7.47 -12.92 18.38
N GLY A 187 -6.58 -13.64 17.70
CA GLY A 187 -5.44 -14.25 18.37
C GLY A 187 -4.33 -13.31 18.75
N TRP A 188 -4.44 -12.05 18.36
CA TRP A 188 -3.41 -11.05 18.66
C TRP A 188 -3.54 -10.51 20.04
N GLY A 189 -4.78 -10.36 20.51
CA GLY A 189 -5.02 -9.65 21.76
C GLY A 189 -4.96 -8.15 21.49
N ALA A 190 -5.35 -7.37 22.48
CA ALA A 190 -5.32 -5.91 22.39
C ALA A 190 -3.90 -5.41 22.50
N ALA A 191 -3.64 -4.23 21.97
CA ALA A 191 -2.35 -3.58 22.22
C ALA A 191 -2.66 -2.13 22.44
N LEU A 192 -2.48 -1.68 23.68
CA LEU A 192 -2.90 -0.34 24.06
C LEU A 192 -1.82 0.39 24.82
N ASP A 193 -0.63 -0.21 24.91
CA ASP A 193 0.49 0.39 25.64
C ASP A 193 1.77 -0.24 25.13
N PRO A 194 2.93 0.23 25.62
CA PRO A 194 4.23 -0.26 25.18
C PRO A 194 4.41 -1.78 25.29
N ASP A 195 3.96 -2.36 26.41
CA ASP A 195 4.04 -3.80 26.57
C ASP A 195 3.24 -4.52 25.51
N GLY A 196 2.03 -4.05 25.23
CA GLY A 196 1.16 -4.73 24.27
C GLY A 196 1.74 -4.65 22.86
N ILE A 197 2.36 -3.51 22.54
CA ILE A 197 2.97 -3.24 21.26
C ILE A 197 4.21 -4.12 21.07
N VAL A 198 4.98 -4.31 22.14
CA VAL A 198 6.16 -5.16 22.10
C VAL A 198 5.77 -6.61 21.92
N ALA A 199 4.70 -7.06 22.60
CA ALA A 199 4.22 -8.44 22.43
C ALA A 199 3.72 -8.67 21.01
N GLN A 200 3.09 -7.66 20.42
CA GLN A 200 2.62 -7.79 19.05
C GLN A 200 3.81 -7.95 18.11
N ALA A 201 4.84 -7.09 18.27
CA ALA A 201 6.07 -7.20 17.48
C ALA A 201 6.65 -8.59 17.59
N ARG A 202 6.74 -9.13 18.80
CA ARG A 202 7.38 -10.43 19.01
C ARG A 202 6.66 -11.51 18.26
N ARG A 203 5.33 -11.48 18.30
CA ARG A 203 4.57 -12.51 17.61
C ARG A 203 4.73 -12.39 16.09
N MET A 204 4.72 -11.14 15.59
CA MET A 204 4.78 -10.92 14.16
C MET A 204 6.17 -11.28 13.62
N ILE A 205 7.19 -10.90 14.35
CA ILE A 205 8.55 -11.11 13.91
C ILE A 205 8.97 -12.59 14.01
N ASP A 206 8.40 -13.32 14.95
CA ASP A 206 8.65 -14.76 15.04
C ASP A 206 8.02 -15.47 13.86
N GLU A 207 6.87 -15.01 13.43
CA GLU A 207 6.18 -15.67 12.30
CA GLU A 207 6.18 -15.59 12.32
C GLU A 207 6.77 -15.27 10.97
N TYR A 208 7.13 -14.02 10.77
CA TYR A 208 7.54 -13.52 9.45
C TYR A 208 9.02 -13.15 9.30
N GLY A 209 9.69 -12.88 10.42
CA GLY A 209 11.13 -12.55 10.40
C GLY A 209 11.50 -11.13 10.02
N PHE A 210 10.52 -10.21 10.01
CA PHE A 210 10.75 -8.82 9.59
C PHE A 210 11.96 -8.27 10.32
N SER A 211 12.79 -7.51 9.62
CA SER A 211 13.99 -6.94 10.22
C SER A 211 13.91 -5.43 10.36
N ALA A 212 12.70 -4.88 10.14
CA ALA A 212 12.43 -3.45 10.35
C ALA A 212 11.01 -3.33 10.87
N ILE A 213 10.74 -2.28 11.62
CA ILE A 213 9.48 -2.22 12.37
C ILE A 213 8.86 -0.84 12.22
N LYS A 214 7.55 -0.81 11.98
CA LYS A 214 6.88 0.47 11.85
C LYS A 214 5.73 0.52 12.84
N LEU A 215 5.58 1.64 13.54
CA LEU A 215 4.42 1.84 14.42
C LEU A 215 3.43 2.87 13.85
N LYS A 216 2.17 2.47 13.77
CA LYS A 216 1.11 3.40 13.38
C LYS A 216 0.75 4.18 14.64
N GLY A 217 1.08 5.46 14.67
CA GLY A 217 0.77 6.29 15.84
C GLY A 217 -0.36 7.29 15.57
N GLY A 218 -0.38 8.39 16.30
CA GLY A 218 -1.48 9.36 16.21
C GLY A 218 -2.72 8.90 16.95
N VAL A 219 -2.57 7.84 17.75
CA VAL A 219 -3.63 7.25 18.55
C VAL A 219 -3.55 7.62 20.04
N PHE A 220 -2.37 7.51 20.63
CA PHE A 220 -2.19 7.90 22.02
C PHE A 220 -1.30 9.12 22.04
N ALA A 221 -1.24 9.78 23.19
CA ALA A 221 -0.42 10.98 23.33
C ALA A 221 1.01 10.70 22.88
N PRO A 222 1.69 11.72 22.31
CA PRO A 222 3.01 11.43 21.75
C PRO A 222 3.98 10.79 22.74
N GLU A 223 3.90 11.20 24.00
CA GLU A 223 4.83 10.67 25.00
C GLU A 223 4.63 9.17 25.18
N GLU A 224 3.38 8.71 25.12
CA GLU A 224 3.12 7.30 25.18
C GLU A 224 3.56 6.54 23.91
N GLU A 225 3.49 7.20 22.76
CA GLU A 225 3.96 6.56 21.51
C GLU A 225 5.50 6.54 21.48
N MET A 226 6.14 7.58 22.02
CA MET A 226 7.60 7.57 22.15
C MET A 226 8.06 6.43 23.04
N ALA A 227 7.29 6.17 24.10
CA ALA A 227 7.60 5.09 25.02
C ALA A 227 7.45 3.72 24.33
N ALA A 228 6.47 3.57 23.44
CA ALA A 228 6.37 2.29 22.71
C ALA A 228 7.59 2.11 21.80
N VAL A 229 7.99 3.20 21.16
CA VAL A 229 9.14 3.17 20.29
C VAL A 229 10.41 2.79 21.04
N GLU A 230 10.62 3.42 22.21
CA GLU A 230 11.79 3.12 23.05
C GLU A 230 11.76 1.67 23.52
N ALA A 231 10.57 1.16 23.85
CA ALA A 231 10.43 -0.23 24.25
C ALA A 231 10.73 -1.21 23.11
N LEU A 232 10.38 -0.83 21.89
CA LEU A 232 10.69 -1.68 20.75
C LEU A 232 12.19 -1.66 20.55
N ARG A 233 12.79 -0.48 20.67
CA ARG A 233 14.21 -0.39 20.51
C ARG A 233 14.92 -1.31 21.53
N ALA A 234 14.46 -1.29 22.78
CA ALA A 234 15.09 -2.13 23.81
C ALA A 234 14.87 -3.60 23.52
N ALA A 235 13.68 -3.95 23.03
CA ALA A 235 13.40 -5.37 22.72
C ALA A 235 14.08 -5.89 21.43
N PHE A 236 14.33 -5.00 20.48
CA PHE A 236 14.89 -5.37 19.16
C PHE A 236 15.98 -4.36 18.83
N PRO A 237 17.17 -4.54 19.43
CA PRO A 237 18.17 -3.47 19.37
C PRO A 237 18.68 -3.22 17.95
N ASP A 238 18.52 -4.18 17.04
CA ASP A 238 19.09 -3.98 15.72
C ASP A 238 18.07 -3.64 14.64
N HIS A 239 16.79 -3.57 15.00
CA HIS A 239 15.74 -3.33 14.01
C HIS A 239 15.57 -1.86 13.70
N PRO A 240 15.70 -1.47 12.43
CA PRO A 240 15.33 -0.09 12.12
C PRO A 240 13.85 0.14 12.47
N LEU A 241 13.54 1.35 12.95
CA LEU A 241 12.19 1.68 13.47
C LEU A 241 11.65 2.91 12.77
N ARG A 242 10.33 2.89 12.51
CA ARG A 242 9.63 4.04 11.94
C ARG A 242 8.36 4.32 12.69
N LEU A 243 7.94 5.58 12.65
CA LEU A 243 6.73 5.98 13.33
C LEU A 243 5.91 6.87 12.40
N ASP A 244 4.61 6.63 12.33
CA ASP A 244 3.75 7.34 11.41
C ASP A 244 2.43 7.68 12.10
N PRO A 245 2.29 8.94 12.54
CA PRO A 245 1.03 9.35 13.17
C PRO A 245 0.02 9.98 12.22
N ASN A 246 0.23 9.88 10.90
CA ASN A 246 -0.75 10.41 9.93
C ASN A 246 -1.11 11.88 10.21
N ALA A 247 -0.09 12.71 10.43
CA ALA A 247 -0.28 14.16 10.57
C ALA A 247 -1.10 14.55 11.81
N ALA A 248 -1.09 13.72 12.85
CA ALA A 248 -1.82 14.01 14.10
C ALA A 248 -1.19 15.09 14.98
N TRP A 249 -0.03 15.61 14.60
CA TRP A 249 0.72 16.56 15.47
C TRP A 249 0.95 17.91 14.87
N THR A 250 1.07 18.93 15.71
CA THR A 250 1.49 20.26 15.24
C THR A 250 3.00 20.20 14.93
N PRO A 251 3.50 21.20 14.22
CA PRO A 251 4.94 21.23 13.97
C PRO A 251 5.74 21.30 15.26
N GLN A 252 5.26 22.06 16.22
CA GLN A 252 5.97 22.25 17.48
C GLN A 252 6.01 20.92 18.24
N THR A 253 4.90 20.22 18.27
CA THR A 253 4.91 18.89 18.88
C THR A 253 5.83 17.90 18.12
N SER A 254 5.82 17.97 16.79
CA SER A 254 6.62 17.03 15.99
C SER A 254 8.12 17.21 16.27
N VAL A 255 8.55 18.44 16.47
CA VAL A 255 9.98 18.72 16.72
C VAL A 255 10.36 18.14 18.08
N LYS A 256 9.49 18.28 19.06
CA LYS A 256 9.76 17.64 20.36
C LYS A 256 9.85 16.14 20.23
N VAL A 257 8.94 15.53 19.48
CA VAL A 257 9.02 14.09 19.32
C VAL A 257 10.34 13.71 18.62
N ALA A 258 10.70 14.46 17.58
CA ALA A 258 11.87 14.09 16.78
C ALA A 258 13.15 14.20 17.62
N ALA A 259 13.24 15.28 18.40
CA ALA A 259 14.39 15.46 19.34
C ALA A 259 14.44 14.30 20.30
N GLY A 260 13.29 13.96 20.88
CA GLY A 260 13.25 12.86 21.84
C GLY A 260 13.55 11.49 21.24
N LEU A 261 13.40 11.35 19.93
CA LEU A 261 13.72 10.05 19.31
C LEU A 261 15.01 10.07 18.49
N GLU A 262 15.84 11.08 18.70
CA GLU A 262 17.08 11.22 17.96
C GLU A 262 17.89 9.92 18.04
N GLY A 263 18.39 9.47 16.89
CA GLY A 263 19.14 8.21 16.85
C GLY A 263 18.32 6.96 17.05
N VAL A 264 17.00 7.10 17.21
CA VAL A 264 16.17 5.91 17.39
C VAL A 264 15.40 5.50 16.12
N LEU A 265 14.93 6.48 15.35
CA LEU A 265 14.10 6.20 14.15
C LEU A 265 14.87 6.26 12.85
N GLU A 266 14.58 5.35 11.95
CA GLU A 266 15.09 5.42 10.60
C GLU A 266 14.49 6.58 9.81
N TYR A 267 13.21 6.83 9.96
CA TYR A 267 12.58 8.08 9.50
C TYR A 267 11.28 8.34 10.28
N LEU A 268 10.80 9.56 10.24
CA LEU A 268 9.55 9.94 10.86
C LEU A 268 8.55 10.24 9.74
N GLU A 269 7.43 9.54 9.69
CA GLU A 269 6.56 9.68 8.54
C GLU A 269 5.35 10.57 8.84
N ASP A 270 5.12 11.58 7.99
CA ASP A 270 3.92 12.45 8.11
C ASP A 270 3.57 12.82 9.54
N PRO A 271 4.49 13.49 10.23
CA PRO A 271 4.20 13.91 11.60
C PRO A 271 3.16 15.00 11.66
N THR A 272 3.11 15.86 10.64
CA THR A 272 2.32 17.08 10.74
C THR A 272 1.70 17.43 9.39
N PRO A 273 0.54 18.13 9.37
CA PRO A 273 -0.13 18.36 8.07
C PRO A 273 0.46 19.46 7.21
N GLY A 274 0.52 19.22 5.90
CA GLY A 274 0.89 20.27 4.95
C GLY A 274 2.38 20.37 4.68
N LEU A 275 2.72 20.77 3.45
CA LEU A 275 4.12 20.87 2.99
C LEU A 275 4.91 21.90 3.79
N ASP A 276 4.27 23.02 4.14
CA ASP A 276 4.99 24.06 4.93
C ASP A 276 5.35 23.55 6.32
N GLY A 277 4.35 23.01 7.02
CA GLY A 277 4.59 22.38 8.30
C GLY A 277 5.65 21.29 8.28
N MET A 278 5.59 20.43 7.27
CA MET A 278 6.58 19.35 7.13
C MET A 278 7.99 19.96 6.94
N ALA A 279 8.08 21.01 6.12
CA ALA A 279 9.36 21.67 5.88
C ALA A 279 9.94 22.28 7.17
N GLU A 280 9.07 22.93 7.95
CA GLU A 280 9.45 23.45 9.28
C GLU A 280 9.99 22.35 10.15
N VAL A 281 9.26 21.24 10.26
CA VAL A 281 9.76 20.15 11.10
C VAL A 281 11.08 19.58 10.56
N ALA A 282 11.15 19.42 9.24
CA ALA A 282 12.31 18.75 8.63
C ALA A 282 13.60 19.52 8.90
N ALA A 283 13.51 20.85 8.87
CA ALA A 283 14.67 21.69 9.18
C ALA A 283 15.23 21.42 10.58
N GLN A 284 14.40 20.92 11.51
CA GLN A 284 14.91 20.69 12.87
C GLN A 284 15.08 19.24 13.27
N ALA A 285 14.44 18.35 12.52
CA ALA A 285 14.47 16.92 12.84
C ALA A 285 15.84 16.32 12.56
N PRO A 286 16.38 15.53 13.50
CA PRO A 286 17.65 14.91 13.20
C PRO A 286 17.51 13.70 12.29
N MET A 287 16.31 13.11 12.19
CA MET A 287 16.10 12.04 11.20
C MET A 287 15.30 12.55 10.00
N PRO A 288 15.40 11.84 8.88
CA PRO A 288 14.70 12.27 7.67
C PRO A 288 13.19 12.22 7.91
N LEU A 289 12.43 13.09 7.27
CA LEU A 289 10.98 12.92 7.26
C LEU A 289 10.56 12.16 6.01
N ALA A 290 9.57 11.28 6.15
CA ALA A 290 8.97 10.58 5.01
C ALA A 290 7.52 11.00 4.85
N THR A 291 6.97 10.73 3.67
CA THR A 291 5.57 11.01 3.43
C THR A 291 4.95 10.08 2.43
N ASN A 292 3.70 9.75 2.66
CA ASN A 292 2.85 9.27 1.61
C ASN A 292 1.63 10.18 1.42
N MET A 293 1.37 11.06 2.40
CA MET A 293 0.13 11.85 2.37
C MET A 293 0.27 13.11 1.58
N CYS A 294 1.45 13.73 1.63
CA CYS A 294 1.67 14.99 0.94
C CYS A 294 2.04 14.82 -0.51
N VAL A 295 2.45 13.61 -0.88
CA VAL A 295 2.90 13.41 -2.26
C VAL A 295 2.32 12.08 -2.73
N VAL A 296 1.21 12.15 -3.45
CA VAL A 296 0.48 10.98 -3.89
C VAL A 296 0.23 11.07 -5.40
N ALA A 297 0.80 12.09 -6.04
CA ALA A 297 0.60 12.30 -7.47
C ALA A 297 1.80 13.06 -8.04
N PHE A 298 2.04 12.86 -9.32
CA PHE A 298 3.20 13.52 -9.97
C PHE A 298 3.14 15.04 -9.87
N ASP A 299 1.95 15.62 -10.03
CA ASP A 299 1.84 17.07 -9.95
C ASP A 299 2.18 17.65 -8.56
N GLN A 300 2.35 16.81 -7.56
CA GLN A 300 2.71 17.30 -6.22
C GLN A 300 4.20 17.31 -5.91
N LEU A 301 5.00 16.68 -6.78
CA LEU A 301 6.44 16.57 -6.53
C LEU A 301 7.18 17.93 -6.59
N PRO A 302 6.90 18.75 -7.62
CA PRO A 302 7.63 20.02 -7.76
C PRO A 302 7.56 20.90 -6.49
N ALA A 303 6.38 21.02 -5.89
CA ALA A 303 6.25 21.83 -4.67
C ALA A 303 6.92 21.14 -3.48
N ALA A 304 6.77 19.83 -3.36
CA ALA A 304 7.46 19.11 -2.31
C ALA A 304 8.97 19.29 -2.40
N VAL A 305 9.49 19.23 -3.62
CA VAL A 305 10.92 19.41 -3.87
C VAL A 305 11.35 20.85 -3.59
N ALA A 306 10.59 21.81 -4.10
CA ALA A 306 10.93 23.24 -3.91
C ALA A 306 10.92 23.64 -2.44
N LYS A 307 10.03 23.05 -1.65
CA LYS A 307 9.94 23.45 -0.24
C LYS A 307 10.84 22.68 0.71
N ASN A 308 11.50 21.62 0.23
CA ASN A 308 12.26 20.77 1.14
C ASN A 308 11.39 20.14 2.24
N SER A 309 10.17 19.78 1.89
CA SER A 309 9.25 19.27 2.91
C SER A 309 9.59 17.86 3.36
N VAL A 310 10.24 17.09 2.49
CA VAL A 310 10.53 15.69 2.84
C VAL A 310 11.83 15.20 2.23
N GLN A 311 12.36 14.15 2.85
CA GLN A 311 13.58 13.54 2.40
C GLN A 311 13.35 12.14 1.83
N VAL A 312 12.18 11.55 2.11
CA VAL A 312 11.86 10.18 1.66
C VAL A 312 10.43 10.18 1.14
N VAL A 313 10.20 9.59 -0.03
CA VAL A 313 8.84 9.48 -0.54
C VAL A 313 8.43 8.02 -0.51
N LEU A 314 7.20 7.74 -0.09
CA LEU A 314 6.74 6.37 -0.11
C LEU A 314 6.03 6.08 -1.43
N SER A 315 6.54 5.11 -2.20
CA SER A 315 5.86 4.75 -3.44
C SER A 315 4.63 3.91 -3.10
N ASP A 316 3.72 3.79 -4.06
CA ASP A 316 2.58 2.89 -3.93
C ASP A 316 2.00 2.75 -5.34
N HIS A 317 2.19 1.61 -5.98
CA HIS A 317 1.78 1.48 -7.39
C HIS A 317 0.27 1.58 -7.55
N HIS A 318 -0.46 1.43 -6.46
CA HIS A 318 -1.93 1.42 -6.52
C HIS A 318 -2.48 2.78 -6.80
N TYR A 319 -1.78 3.84 -6.39
CA TYR A 319 -2.27 5.18 -6.72
C TYR A 319 -1.35 6.02 -7.59
N TRP A 320 -0.12 5.56 -7.80
CA TRP A 320 0.81 6.22 -8.75
C TRP A 320 0.64 5.80 -10.20
N GLY A 321 -0.20 4.82 -10.46
CA GLY A 321 -0.55 4.50 -11.84
C GLY A 321 0.12 3.25 -12.36
N GLY A 322 0.45 2.32 -11.47
CA GLY A 322 0.98 1.00 -11.85
C GLY A 322 2.50 0.93 -11.79
N LEU A 323 3.09 -0.14 -12.33
CA LEU A 323 4.50 -0.40 -12.02
C LEU A 323 5.47 0.46 -12.78
N GLN A 324 5.18 0.71 -14.06
CA GLN A 324 6.11 1.52 -14.83
C GLN A 324 6.12 2.93 -14.31
N ARG A 325 4.97 3.46 -13.95
CA ARG A 325 4.95 4.82 -13.39
C ARG A 325 5.61 4.89 -12.02
N SER A 326 5.57 3.77 -11.28
CA SER A 326 6.27 3.72 -10.02
C SER A 326 7.78 3.73 -10.27
N ARG A 327 8.24 3.06 -11.33
CA ARG A 327 9.66 3.14 -11.68
C ARG A 327 10.03 4.58 -12.04
N LEU A 328 9.14 5.28 -12.74
CA LEU A 328 9.37 6.70 -13.04
C LEU A 328 9.48 7.52 -11.75
N LEU A 329 8.57 7.29 -10.80
CA LEU A 329 8.65 7.98 -9.50
C LEU A 329 10.01 7.71 -8.85
N ALA A 330 10.45 6.46 -8.89
CA ALA A 330 11.74 6.09 -8.28
C ALA A 330 12.90 6.83 -8.93
N GLY A 331 12.88 6.93 -10.26
CA GLY A 331 13.89 7.73 -10.98
C GLY A 331 13.86 9.23 -10.68
N ILE A 332 12.66 9.79 -10.52
CA ILE A 332 12.54 11.21 -10.15
C ILE A 332 13.14 11.43 -8.74
N CYS A 333 12.80 10.55 -7.79
CA CYS A 333 13.33 10.66 -6.43
C CYS A 333 14.86 10.59 -6.43
N ASP A 334 15.38 9.62 -7.15
CA ASP A 334 16.83 9.47 -7.27
C ASP A 334 17.44 10.76 -7.81
N THR A 335 16.85 11.29 -8.87
CA THR A 335 17.35 12.50 -9.51
C THR A 335 17.33 13.71 -8.54
N PHE A 336 16.27 13.84 -7.75
CA PHE A 336 16.17 14.99 -6.84
C PHE A 336 16.69 14.74 -5.43
N GLY A 337 17.38 13.62 -5.21
CA GLY A 337 18.02 13.38 -3.92
C GLY A 337 17.07 12.91 -2.82
N LEU A 338 15.94 12.32 -3.19
CA LEU A 338 14.98 11.79 -2.20
C LEU A 338 15.10 10.29 -2.04
N GLY A 339 15.02 9.82 -0.80
CA GLY A 339 14.99 8.39 -0.54
C GLY A 339 13.64 7.82 -0.96
N LEU A 340 13.58 6.49 -1.09
CA LEU A 340 12.37 5.85 -1.58
C LEU A 340 11.97 4.65 -0.72
N SER A 341 10.73 4.63 -0.26
CA SER A 341 10.23 3.49 0.50
C SER A 341 8.94 3.06 -0.20
N MET A 342 8.09 2.29 0.48
CA MET A 342 6.83 1.87 -0.12
C MET A 342 5.72 1.77 0.90
N HIS A 343 4.60 2.35 0.54
CA HIS A 343 3.41 2.45 1.35
C HIS A 343 2.45 1.32 1.06
N SER A 344 1.60 1.01 2.02
CA SER A 344 0.72 -0.17 1.87
C SER A 344 -0.70 0.13 2.38
N ASN A 345 -1.70 -0.49 1.79
CA ASN A 345 -3.03 -0.54 2.44
C ASN A 345 -3.39 -2.03 2.49
N SER A 346 -4.36 -2.39 3.32
CA SER A 346 -4.79 -3.79 3.40
C SER A 346 -4.90 -4.38 1.99
N HIS A 347 -4.22 -5.50 1.71
CA HIS A 347 -4.18 -5.98 0.33
C HIS A 347 -4.01 -7.47 0.29
N LEU A 348 -4.20 -8.05 -0.88
CA LEU A 348 -4.10 -9.50 -1.00
C LEU A 348 -2.86 -9.89 -1.84
N GLY A 349 -2.83 -11.14 -2.32
CA GLY A 349 -1.61 -11.69 -2.98
C GLY A 349 -1.26 -11.19 -4.37
N ILE A 350 -2.25 -10.63 -5.07
CA ILE A 350 -1.98 -10.04 -6.37
C ILE A 350 -1.17 -8.76 -6.19
N SER A 351 -1.66 -7.88 -5.31
CA SER A 351 -0.88 -6.69 -4.96
C SER A 351 0.47 -7.06 -4.39
N LEU A 352 0.52 -8.11 -3.59
CA LEU A 352 1.81 -8.44 -2.98
C LEU A 352 2.82 -8.82 -4.08
N ALA A 353 2.39 -9.63 -5.04
CA ALA A 353 3.27 -10.06 -6.13
C ALA A 353 3.75 -8.83 -6.93
N ALA A 354 2.84 -7.89 -7.16
CA ALA A 354 3.21 -6.68 -7.93
C ALA A 354 4.20 -5.82 -7.14
N MET A 355 3.99 -5.69 -5.83
CA MET A 355 4.91 -4.96 -4.96
C MET A 355 6.32 -5.55 -5.02
N VAL A 356 6.38 -6.86 -4.98
CA VAL A 356 7.68 -7.56 -4.92
C VAL A 356 8.44 -7.37 -6.25
N HIS A 357 7.78 -7.58 -7.38
CA HIS A 357 8.45 -7.39 -8.68
C HIS A 357 8.91 -5.99 -8.84
N LEU A 358 8.08 -5.02 -8.43
CA LEU A 358 8.45 -3.63 -8.53
C LEU A 358 9.69 -3.33 -7.67
N ALA A 359 9.64 -3.69 -6.39
CA ALA A 359 10.76 -3.43 -5.50
C ALA A 359 12.05 -4.18 -5.93
N ALA A 360 11.92 -5.41 -6.44
CA ALA A 360 13.10 -6.17 -6.87
C ALA A 360 13.84 -5.44 -7.98
N ALA A 361 13.09 -4.74 -8.83
CA ALA A 361 13.66 -4.10 -10.01
C ALA A 361 14.05 -2.63 -9.77
N THR A 362 13.92 -2.16 -8.54
CA THR A 362 14.18 -0.74 -8.27
C THR A 362 15.47 -0.56 -7.47
N PRO A 363 16.55 -0.08 -8.13
CA PRO A 363 17.85 0.03 -7.44
C PRO A 363 17.79 0.90 -6.17
N ASN A 364 17.08 2.04 -6.18
CA ASN A 364 17.11 2.92 -5.00
C ASN A 364 16.00 2.67 -3.99
N LEU A 365 15.30 1.54 -4.14
CA LEU A 365 14.30 1.18 -3.11
C LEU A 365 14.96 0.25 -2.11
N THR A 366 15.67 0.84 -1.14
CA THR A 366 16.45 0.03 -0.20
C THR A 366 15.84 -0.01 1.23
N TYR A 367 14.94 0.91 1.55
CA TYR A 367 14.11 0.74 2.76
C TYR A 367 13.22 -0.50 2.66
N ALA A 368 12.99 -1.14 3.80
CA ALA A 368 12.05 -2.24 3.85
C ALA A 368 10.66 -1.72 3.45
N CYS A 369 9.91 -2.50 2.67
CA CYS A 369 8.57 -2.06 2.23
C CYS A 369 7.51 -2.27 3.33
N ASP A 370 6.54 -1.37 3.45
CA ASP A 370 5.43 -1.64 4.35
C ASP A 370 4.52 -2.71 3.77
N THR A 371 3.94 -3.53 4.63
CA THR A 371 2.88 -4.40 4.18
C THR A 371 1.93 -4.64 5.34
N HIS A 372 0.66 -4.81 5.02
CA HIS A 372 -0.37 -5.24 5.96
C HIS A 372 -0.54 -6.74 5.99
N TRP A 373 0.31 -7.48 5.27
CA TRP A 373 0.14 -8.93 5.17
C TRP A 373 -0.21 -9.69 6.44
N PRO A 374 0.52 -9.45 7.55
CA PRO A 374 0.26 -10.25 8.77
C PRO A 374 -1.16 -10.10 9.29
N TRP A 375 -1.82 -9.02 8.91
CA TRP A 375 -3.16 -8.73 9.42
C TRP A 375 -4.29 -9.44 8.77
N ARG A 376 -4.07 -10.05 7.61
CA ARG A 376 -5.13 -10.86 7.00
C ARG A 376 -4.74 -12.34 7.05
N HIS A 377 -5.69 -13.22 6.78
CA HIS A 377 -5.42 -14.66 6.73
C HIS A 377 -6.17 -15.32 5.59
N GLU A 378 -6.63 -14.52 4.63
CA GLU A 378 -7.35 -15.01 3.45
C GLU A 378 -6.63 -14.52 2.17
N ASP A 379 -6.88 -15.16 1.02
CA ASP A 379 -6.29 -14.72 -0.25
C ASP A 379 -7.12 -15.22 -1.42
N VAL A 380 -6.89 -14.63 -2.60
CA VAL A 380 -7.59 -15.02 -3.85
C VAL A 380 -6.69 -15.78 -4.83
N VAL A 381 -5.40 -15.90 -4.50
CA VAL A 381 -4.49 -16.59 -5.41
C VAL A 381 -4.00 -17.90 -4.79
N ALA A 382 -3.57 -18.83 -5.65
CA ALA A 382 -3.05 -20.10 -5.18
C ALA A 382 -1.80 -19.86 -4.33
N PRO A 383 -1.63 -20.65 -3.25
CA PRO A 383 -0.56 -20.41 -2.28
C PRO A 383 0.79 -20.88 -2.81
N GLY A 384 1.87 -20.52 -2.14
CA GLY A 384 3.16 -21.06 -2.54
C GLY A 384 4.16 -20.11 -3.18
N ALA A 385 3.72 -19.00 -3.76
CA ALA A 385 4.69 -18.17 -4.48
C ALA A 385 5.21 -16.96 -3.69
N LEU A 386 4.65 -16.69 -2.51
CA LEU A 386 4.94 -15.46 -1.78
C LEU A 386 5.26 -15.71 -0.30
N ASN A 387 6.07 -16.71 -0.04
CA ASN A 387 6.47 -17.02 1.33
C ASN A 387 7.42 -15.98 1.89
N PHE A 388 7.20 -15.60 3.16
CA PHE A 388 8.15 -14.76 3.86
C PHE A 388 9.16 -15.63 4.58
N CYS A 389 10.42 -15.23 4.52
CA CYS A 389 11.47 -15.96 5.23
C CYS A 389 12.50 -14.94 5.62
N ASP A 390 12.73 -14.82 6.92
CA ASP A 390 13.58 -13.76 7.41
C ASP A 390 13.16 -12.37 6.93
N GLY A 391 11.85 -12.13 6.86
CA GLY A 391 11.37 -10.76 6.63
C GLY A 391 11.28 -10.39 5.16
N GLU A 392 11.57 -11.34 4.28
CA GLU A 392 11.71 -10.99 2.88
C GLU A 392 11.04 -12.00 1.98
N VAL A 393 10.63 -11.55 0.79
CA VAL A 393 9.95 -12.41 -0.17
C VAL A 393 10.84 -12.54 -1.39
N GLN A 394 11.17 -13.76 -1.78
CA GLN A 394 11.97 -13.99 -2.99
C GLN A 394 11.13 -13.56 -4.18
N VAL A 395 11.76 -12.92 -5.14
CA VAL A 395 11.02 -12.50 -6.33
C VAL A 395 10.76 -13.72 -7.24
N PRO A 396 9.50 -13.94 -7.65
CA PRO A 396 9.24 -15.13 -8.46
C PRO A 396 10.00 -15.05 -9.78
N ALA A 397 10.47 -16.20 -10.27
CA ALA A 397 11.24 -16.28 -11.54
C ALA A 397 10.36 -16.76 -12.70
N THR A 398 9.10 -17.06 -12.42
CA THR A 398 8.20 -17.61 -13.45
C THR A 398 7.66 -16.50 -14.34
N PRO A 399 7.11 -16.87 -15.50
CA PRO A 399 6.61 -15.84 -16.42
C PRO A 399 5.41 -15.10 -15.82
N GLY A 400 5.34 -13.80 -16.04
CA GLY A 400 4.17 -13.01 -15.56
C GLY A 400 4.38 -12.55 -14.13
N LEU A 401 3.25 -12.32 -13.46
CA LEU A 401 3.27 -11.81 -12.11
C LEU A 401 3.73 -12.88 -11.14
N GLY A 402 3.50 -14.15 -11.48
CA GLY A 402 3.97 -15.24 -10.62
C GLY A 402 2.92 -15.83 -9.67
N VAL A 403 1.70 -15.33 -9.70
CA VAL A 403 0.61 -15.89 -8.91
C VAL A 403 -0.56 -16.09 -9.85
N GLU A 404 -1.48 -16.99 -9.50
CA GLU A 404 -2.66 -17.27 -10.33
C GLU A 404 -3.90 -17.34 -9.47
N ILE A 405 -5.06 -17.01 -10.05
CA ILE A 405 -6.29 -17.02 -9.30
C ILE A 405 -6.67 -18.42 -8.84
N ASP A 406 -7.17 -18.50 -7.61
CA ASP A 406 -7.85 -19.70 -7.13
C ASP A 406 -9.33 -19.36 -7.21
N GLU A 407 -10.03 -19.92 -8.20
CA GLU A 407 -11.41 -19.51 -8.48
C GLU A 407 -12.39 -19.77 -7.32
N ASP A 408 -12.13 -20.82 -6.53
CA ASP A 408 -12.97 -21.12 -5.36
C ASP A 408 -12.77 -20.08 -4.26
N ALA A 409 -11.52 -19.73 -3.99
CA ALA A 409 -11.19 -18.69 -3.02
C ALA A 409 -11.78 -17.34 -3.46
N LEU A 410 -11.65 -17.02 -4.74
CA LEU A 410 -12.21 -15.78 -5.25
C LEU A 410 -13.73 -15.73 -5.10
N ALA A 411 -14.42 -16.83 -5.41
CA ALA A 411 -15.88 -16.85 -5.28
C ALA A 411 -16.29 -16.67 -3.81
N ALA A 412 -15.57 -17.35 -2.94
CA ALA A 412 -15.82 -17.26 -1.50
C ALA A 412 -15.67 -15.84 -0.96
N LEU A 413 -14.57 -15.15 -1.31
CA LEU A 413 -14.38 -13.76 -0.85
C LEU A 413 -15.33 -12.78 -1.54
N HIS A 414 -15.74 -13.09 -2.76
CA HIS A 414 -16.79 -12.28 -3.36
C HIS A 414 -18.09 -12.45 -2.62
N GLU A 415 -18.40 -13.70 -2.27
CA GLU A 415 -19.63 -13.98 -1.54
C GLU A 415 -19.56 -13.23 -0.20
N GLN A 416 -18.41 -13.29 0.44
CA GLN A 416 -18.21 -12.59 1.70
C GLN A 416 -18.44 -11.09 1.53
N TYR A 417 -17.98 -10.54 0.42
CA TYR A 417 -18.25 -9.13 0.09
C TYR A 417 -19.74 -8.83 0.03
N LEU A 418 -20.50 -9.65 -0.71
CA LEU A 418 -21.92 -9.39 -0.89
C LEU A 418 -22.64 -9.44 0.45
N ARG A 419 -22.33 -10.45 1.26
CA ARG A 419 -23.03 -10.70 2.51
C ARG A 419 -22.68 -9.75 3.65
N CYS A 420 -21.45 -9.24 3.68
CA CYS A 420 -21.06 -8.39 4.80
C CYS A 420 -21.62 -6.97 4.71
N GLY A 421 -22.10 -6.60 3.53
CA GLY A 421 -22.81 -5.33 3.35
C GLY A 421 -21.95 -4.06 3.36
N ILE A 422 -20.65 -4.19 3.63
CA ILE A 422 -19.76 -3.00 3.61
C ILE A 422 -19.46 -2.62 2.15
N ARG A 423 -19.66 -1.35 1.78
CA ARG A 423 -19.48 -0.96 0.39
C ARG A 423 -18.40 0.11 0.16
N ASP A 424 -17.94 0.73 1.25
CA ASP A 424 -16.86 1.72 1.20
C ASP A 424 -16.00 1.60 2.45
N ARG A 425 -14.70 1.88 2.35
CA ARG A 425 -13.89 1.93 3.57
C ARG A 425 -14.29 3.20 4.34
N ASP A 426 -14.54 3.09 5.65
CA ASP A 426 -14.96 4.25 6.41
C ASP A 426 -14.51 4.06 7.89
N ASP A 427 -13.23 4.29 8.18
CA ASP A 427 -12.71 4.07 9.54
C ASP A 427 -13.46 4.96 10.54
N THR A 428 -13.70 6.21 10.16
CA THR A 428 -14.36 7.16 11.02
C THR A 428 -15.84 6.83 11.23
N GLY A 429 -16.57 6.61 10.14
CA GLY A 429 -17.97 6.17 10.22
C GLY A 429 -18.16 4.93 11.07
N TYR A 430 -17.26 3.96 10.92
CA TYR A 430 -17.33 2.73 11.72
C TYR A 430 -17.03 3.03 13.21
N MET A 431 -16.06 3.90 13.47
CA MET A 431 -15.80 4.29 14.85
C MET A 431 -17.05 4.97 15.42
N ARG A 432 -17.69 5.84 14.65
CA ARG A 432 -18.90 6.55 15.14
C ARG A 432 -20.08 5.64 15.39
N SER A 433 -20.17 4.53 14.66
CA SER A 433 -21.28 3.58 14.85
C SER A 433 -21.13 2.92 16.21
N ILE A 434 -19.92 2.96 16.76
CA ILE A 434 -19.66 2.44 18.10
C ILE A 434 -19.66 3.54 19.17
N ASP A 435 -19.16 4.71 18.81
CA ASP A 435 -18.96 5.83 19.72
C ASP A 435 -19.42 7.10 18.97
N PRO A 436 -20.73 7.41 19.02
CA PRO A 436 -21.33 8.39 18.13
C PRO A 436 -20.69 9.75 18.11
N GLY A 437 -20.14 10.18 19.24
CA GLY A 437 -19.59 11.54 19.33
C GLY A 437 -18.17 11.63 18.80
N PHE A 438 -17.60 10.50 18.40
CA PHE A 438 -16.21 10.47 17.90
C PHE A 438 -15.97 11.46 16.75
N ASN A 439 -14.87 12.19 16.83
CA ASN A 439 -14.46 13.10 15.77
C ASN A 439 -13.08 12.75 15.20
N ALA A 440 -12.91 12.89 13.89
CA ALA A 440 -11.60 12.68 13.29
C ALA A 440 -10.84 14.02 13.20
N SER A 441 -10.70 14.69 14.33
CA SER A 441 -9.97 15.94 14.41
C SER A 441 -8.48 15.73 14.19
N GLY A 442 -7.80 16.76 13.69
CA GLY A 442 -6.33 16.76 13.67
C GLY A 442 -5.83 18.13 13.27
N PRO A 443 -4.64 18.50 13.76
CA PRO A 443 -3.87 17.65 14.67
C PRO A 443 -4.56 17.49 16.01
N ARG A 444 -4.21 16.44 16.73
CA ARG A 444 -4.75 16.19 18.05
C ARG A 444 -3.80 16.65 19.15
N TRP A 445 -2.50 16.74 18.86
CA TRP A 445 -1.48 17.11 19.88
C TRP A 445 -0.44 18.02 19.33
#